data_1HO8
#
_entry.id   1HO8
#
_cell.length_a   117.342
_cell.length_b   117.342
_cell.length_c   119.873
_cell.angle_alpha   90.00
_cell.angle_beta   90.00
_cell.angle_gamma   120.00
#
_symmetry.space_group_name_H-M   'P 32 2 1'
#
loop_
_entity.id
_entity.type
_entity.pdbx_description
1 polymer 'VACUOLAR ATP SYNTHASE SUBUNIT H'
2 non-polymer 'SULFATE ION'
3 water water
#
_entity_poly.entity_id   1
_entity_poly.type   'polypeptide(L)'
_entity_poly.pdbx_seq_one_letter_code
;GSMGATKILMDSTHFNEIRSIIRSRSVAWDALARSEELSEIDASTAKALESILVKKNIGDGLSSSNNAHSGFKVNGKTLI
PLIHLLSTSDNEDCKKSVQNLIAELLSSDKYGDDTVKFFQEDPKQLEQLFDVSLKGDFQTVLISGFNVVSLLVQNGLHNV
KLVEKLLKNNNLINILQNIEQMDTCYVCIRLLQELAVIPEYRDVIWLHEKKFMPTLFKILQRATDSQLATRIVATNSNHL
GIQLQYHSLLLIWLLTFNPVFANELVQKYLSDFLDLLKLVKITIKEKVSRLCISIILQCCSTRVKQHKKVIKQLLLLGNA
LPTVQSLSERKYSDEELRQDISNLKEILENEYQELTSFDEYVAELDSKLLCWSPPHVDNGFWSDNIDEFKKDNYKIFRQL
IELLQAKVRNGDVNAKQEKIIIQVALNDITHVVELLPESIDVLDKTGGKADIMELLNHSDSRVKYEALKATQAIIGYTFK
;
_entity_poly.pdbx_strand_id   A
#
loop_
_chem_comp.id
_chem_comp.type
_chem_comp.name
_chem_comp.formula
SO4 non-polymer 'SULFATE ION' 'O4 S -2'
#
# COMPACT_ATOMS: atom_id res chain seq x y z
N GLY A 4 -28.62 7.09 12.74
CA GLY A 4 -29.23 5.76 12.87
C GLY A 4 -28.31 4.73 13.50
N ALA A 5 -27.87 3.77 12.65
CA ALA A 5 -26.99 2.69 13.05
C ALA A 5 -26.01 2.25 11.94
N THR A 6 -25.52 3.19 11.11
CA THR A 6 -24.53 2.93 10.00
C THR A 6 -24.96 2.42 8.65
N LYS A 7 -25.06 3.34 7.77
CA LYS A 7 -25.39 3.02 6.43
C LYS A 7 -24.27 3.47 5.55
N ILE A 8 -23.30 2.61 5.45
CA ILE A 8 -22.16 2.87 4.67
C ILE A 8 -22.45 2.86 3.17
N LEU A 9 -21.53 3.56 2.46
CA LEU A 9 -21.49 3.71 1.01
C LEU A 9 -22.80 4.24 0.52
N MET A 10 -23.32 5.25 1.19
CA MET A 10 -24.61 5.77 0.83
C MET A 10 -24.66 6.73 -0.39
N ASP A 11 -23.52 7.36 -0.67
CA ASP A 11 -23.48 8.32 -1.75
C ASP A 11 -22.88 7.71 -3.01
N SER A 12 -22.29 6.54 -2.86
CA SER A 12 -21.71 5.83 -3.97
C SER A 12 -22.69 5.73 -5.10
N THR A 13 -22.39 6.41 -6.14
CA THR A 13 -23.20 6.41 -7.30
C THR A 13 -22.96 5.17 -8.16
N HIS A 14 -21.69 4.75 -8.23
CA HIS A 14 -21.30 3.58 -9.00
C HIS A 14 -21.74 2.32 -8.34
N PHE A 15 -21.99 2.42 -7.03
CA PHE A 15 -22.50 1.27 -6.34
C PHE A 15 -23.94 1.24 -6.67
N ASN A 16 -24.57 2.36 -6.30
CA ASN A 16 -25.97 2.58 -6.59
C ASN A 16 -26.26 2.08 -8.02
N GLU A 17 -25.35 2.42 -8.94
CA GLU A 17 -25.47 1.99 -10.32
C GLU A 17 -25.34 0.49 -10.44
N ILE A 18 -24.37 -0.11 -9.76
CA ILE A 18 -24.24 -1.54 -9.84
C ILE A 18 -25.52 -2.14 -9.34
N ARG A 19 -26.01 -1.54 -8.27
CA ARG A 19 -27.21 -2.03 -7.63
C ARG A 19 -28.33 -2.10 -8.57
N SER A 20 -28.48 -1.03 -9.34
CA SER A 20 -29.53 -0.94 -10.34
C SER A 20 -29.52 -2.05 -11.41
N ILE A 21 -28.34 -2.49 -11.82
CA ILE A 21 -28.20 -3.54 -12.81
C ILE A 21 -28.57 -4.90 -12.22
N ILE A 22 -28.65 -4.97 -10.90
CA ILE A 22 -28.99 -6.23 -10.29
C ILE A 22 -30.47 -6.36 -10.02
N ARG A 23 -31.08 -5.26 -9.61
CA ARG A 23 -32.48 -5.28 -9.33
C ARG A 23 -33.27 -5.31 -10.63
N SER A 24 -32.56 -5.09 -11.74
CA SER A 24 -33.19 -5.13 -13.03
C SER A 24 -33.66 -6.54 -13.32
N ARG A 25 -32.73 -7.51 -13.13
CA ARG A 25 -33.07 -8.91 -13.35
C ARG A 25 -34.03 -9.39 -12.33
N SER A 26 -35.26 -9.56 -12.81
CA SER A 26 -36.33 -10.00 -11.97
C SER A 26 -36.46 -11.51 -11.92
N VAL A 27 -36.93 -11.94 -10.77
CA VAL A 27 -37.14 -13.33 -10.51
C VAL A 27 -38.59 -13.61 -10.34
N ALA A 28 -38.99 -14.77 -10.82
CA ALA A 28 -40.35 -15.17 -10.66
C ALA A 28 -40.43 -16.19 -9.55
N TRP A 29 -40.42 -15.73 -8.30
CA TRP A 29 -40.43 -16.68 -7.22
C TRP A 29 -41.46 -17.73 -7.47
N ASP A 30 -42.64 -17.41 -7.07
CA ASP A 30 -43.81 -18.17 -7.33
C ASP A 30 -43.51 -19.38 -8.25
N ALA A 31 -43.24 -19.09 -9.52
CA ALA A 31 -42.90 -20.14 -10.45
C ALA A 31 -41.87 -21.07 -9.83
N LEU A 32 -40.73 -20.50 -9.50
CA LEU A 32 -39.65 -21.24 -8.87
C LEU A 32 -40.17 -22.12 -7.76
N ALA A 33 -41.07 -21.54 -6.98
CA ALA A 33 -41.69 -22.24 -5.87
C ALA A 33 -42.46 -23.39 -6.45
N ARG A 34 -43.48 -22.97 -7.16
CA ARG A 34 -44.38 -23.79 -7.91
C ARG A 34 -43.58 -24.88 -8.66
N SER A 35 -42.52 -24.48 -9.37
CA SER A 35 -41.70 -25.42 -10.11
C SER A 35 -40.91 -26.30 -9.18
N GLU A 36 -41.19 -26.17 -7.89
CA GLU A 36 -40.45 -26.91 -6.87
C GLU A 36 -38.94 -26.57 -6.87
N GLU A 37 -38.55 -25.40 -7.43
CA GLU A 37 -37.13 -25.01 -7.42
C GLU A 37 -36.70 -24.35 -6.09
N LEU A 38 -37.74 -23.90 -5.34
CA LEU A 38 -37.65 -23.27 -4.03
C LEU A 38 -38.81 -23.70 -3.19
N SER A 39 -38.78 -23.29 -1.94
CA SER A 39 -39.81 -23.58 -0.96
C SER A 39 -40.61 -22.32 -0.71
N GLU A 40 -41.87 -22.33 -1.05
CA GLU A 40 -42.61 -21.11 -0.87
C GLU A 40 -42.09 -20.33 0.31
N ILE A 41 -42.27 -20.93 1.47
CA ILE A 41 -41.86 -20.29 2.68
C ILE A 41 -40.90 -19.15 2.36
N ASP A 42 -39.77 -19.59 1.82
CA ASP A 42 -38.73 -18.73 1.37
C ASP A 42 -39.26 -17.80 0.31
N ALA A 43 -39.47 -18.47 -0.85
CA ALA A 43 -39.98 -17.88 -2.09
C ALA A 43 -41.08 -16.91 -1.78
N SER A 44 -42.11 -17.36 -1.08
CA SER A 44 -43.16 -16.43 -0.75
C SER A 44 -42.60 -15.28 0.09
N THR A 45 -41.83 -15.64 1.07
CA THR A 45 -41.29 -14.65 1.93
C THR A 45 -40.49 -13.57 1.21
N ALA A 46 -39.77 -13.96 0.16
CA ALA A 46 -38.97 -12.97 -0.60
C ALA A 46 -39.80 -12.15 -1.52
N LYS A 47 -40.67 -12.87 -2.26
CA LYS A 47 -41.57 -12.25 -3.20
C LYS A 47 -42.30 -11.11 -2.52
N ALA A 48 -42.59 -11.36 -1.23
CA ALA A 48 -43.25 -10.40 -0.37
C ALA A 48 -42.34 -9.25 -0.06
N LEU A 49 -41.13 -9.57 0.42
CA LEU A 49 -40.11 -8.56 0.72
C LEU A 49 -39.85 -7.65 -0.45
N GLU A 50 -39.65 -8.30 -1.59
CA GLU A 50 -39.38 -7.62 -2.82
C GLU A 50 -40.33 -6.54 -3.11
N SER A 51 -41.51 -6.65 -2.64
CA SER A 51 -42.45 -5.62 -2.90
C SER A 51 -42.33 -4.60 -1.82
N ILE A 52 -42.30 -5.08 -0.61
CA ILE A 52 -42.15 -4.20 0.50
C ILE A 52 -41.04 -3.19 0.22
N LEU A 53 -39.97 -3.66 -0.39
CA LEU A 53 -38.84 -2.80 -0.72
C LEU A 53 -39.05 -1.96 -1.96
N VAL A 54 -39.32 -2.66 -3.08
CA VAL A 54 -39.54 -2.04 -4.40
C VAL A 54 -40.99 -1.61 -4.72
N LYS A 55 -41.94 -2.21 -3.99
CA LYS A 55 -43.37 -1.95 -4.13
C LYS A 55 -43.80 -1.87 -5.61
N LYS A 73 -43.27 -4.71 8.11
CA LYS A 73 -42.26 -5.76 8.11
C LYS A 73 -41.02 -5.34 8.93
N VAL A 74 -41.19 -5.49 10.21
CA VAL A 74 -40.13 -5.11 11.13
C VAL A 74 -38.73 -5.63 10.77
N ASN A 75 -38.51 -6.77 10.99
CA ASN A 75 -37.36 -7.52 10.50
C ASN A 75 -37.15 -8.61 11.59
N GLY A 76 -37.45 -9.71 11.37
CA GLY A 76 -37.12 -10.59 12.39
C GLY A 76 -37.07 -11.91 11.76
N LYS A 77 -38.29 -12.37 11.38
CA LYS A 77 -38.56 -13.64 10.71
C LYS A 77 -38.61 -13.49 9.21
N THR A 78 -37.72 -12.68 8.69
CA THR A 78 -37.72 -12.39 7.29
C THR A 78 -36.45 -12.88 6.70
N LEU A 79 -35.40 -12.65 7.44
CA LEU A 79 -34.10 -13.07 7.03
C LEU A 79 -34.01 -14.57 7.00
N ILE A 80 -33.99 -15.18 8.18
CA ILE A 80 -33.94 -16.63 8.34
C ILE A 80 -34.21 -17.46 7.05
N PRO A 81 -35.39 -17.22 6.40
CA PRO A 81 -35.77 -17.92 5.17
C PRO A 81 -34.87 -17.54 4.04
N LEU A 82 -34.72 -16.21 3.87
CA LEU A 82 -33.76 -15.68 2.89
C LEU A 82 -32.47 -16.52 3.02
N ILE A 83 -31.72 -16.29 4.09
CA ILE A 83 -30.52 -17.05 4.32
C ILE A 83 -30.75 -18.44 3.91
N HIS A 84 -31.78 -19.06 4.47
CA HIS A 84 -32.06 -20.42 4.10
C HIS A 84 -31.85 -20.53 2.62
N LEU A 85 -32.86 -20.12 1.91
CA LEU A 85 -32.74 -20.11 0.49
C LEU A 85 -31.25 -19.86 0.09
N LEU A 86 -30.80 -18.69 0.47
CA LEU A 86 -29.44 -18.29 0.20
C LEU A 86 -28.55 -19.49 0.29
N SER A 87 -28.74 -20.24 1.35
CA SER A 87 -27.92 -21.39 1.60
C SER A 87 -28.36 -22.52 0.72
N THR A 88 -29.62 -22.84 0.93
CA THR A 88 -30.29 -23.84 0.19
C THR A 88 -30.73 -23.29 -1.14
N SER A 89 -29.89 -23.42 -2.15
CA SER A 89 -30.23 -22.95 -3.48
C SER A 89 -29.14 -23.09 -4.51
N ASP A 90 -29.62 -23.24 -5.75
CA ASP A 90 -28.78 -23.47 -6.91
C ASP A 90 -29.14 -22.53 -8.03
N ASN A 91 -29.96 -21.59 -7.68
CA ASN A 91 -30.41 -20.59 -8.57
C ASN A 91 -29.63 -19.31 -8.38
N GLU A 92 -28.43 -19.31 -8.93
CA GLU A 92 -27.51 -18.20 -8.81
C GLU A 92 -28.19 -16.88 -9.06
N ASP A 93 -29.21 -16.92 -9.88
CA ASP A 93 -29.86 -15.66 -10.11
C ASP A 93 -30.78 -15.29 -8.99
N CYS A 94 -31.11 -16.30 -8.19
CA CYS A 94 -32.00 -16.12 -7.05
C CYS A 94 -31.31 -15.49 -5.86
N LYS A 95 -30.27 -16.18 -5.45
CA LYS A 95 -29.53 -15.74 -4.30
C LYS A 95 -29.07 -14.33 -4.49
N LYS A 96 -28.91 -13.98 -5.76
CA LYS A 96 -28.49 -12.66 -6.12
C LYS A 96 -29.52 -11.68 -5.64
N SER A 97 -30.71 -11.76 -6.25
CA SER A 97 -31.82 -10.91 -5.90
C SER A 97 -32.01 -10.91 -4.42
N VAL A 98 -31.70 -12.06 -3.81
CA VAL A 98 -31.75 -12.18 -2.36
C VAL A 98 -30.62 -11.34 -1.74
N GLN A 99 -29.40 -11.87 -1.82
CA GLN A 99 -28.21 -11.16 -1.40
C GLN A 99 -28.48 -9.65 -1.44
N ASN A 100 -29.02 -9.22 -2.59
CA ASN A 100 -29.45 -7.85 -2.84
C ASN A 100 -30.54 -7.45 -1.84
N LEU A 101 -31.76 -8.01 -1.97
CA LEU A 101 -32.81 -7.65 -1.01
C LEU A 101 -32.13 -7.52 0.33
N ILE A 102 -31.29 -8.47 0.64
CA ILE A 102 -30.65 -8.29 1.92
C ILE A 102 -30.08 -6.89 2.02
N ALA A 103 -29.21 -6.52 1.04
CA ALA A 103 -28.60 -5.19 0.96
C ALA A 103 -29.64 -4.09 1.06
N GLU A 104 -30.61 -4.18 0.14
CA GLU A 104 -31.71 -3.23 0.06
C GLU A 104 -32.31 -2.92 1.43
N LEU A 105 -32.31 -3.90 2.31
CA LEU A 105 -32.80 -3.72 3.67
C LEU A 105 -31.81 -2.87 4.37
N LEU A 106 -30.68 -3.49 4.65
CA LEU A 106 -29.54 -2.84 5.28
C LEU A 106 -29.54 -1.30 5.10
N SER A 107 -29.72 -0.81 3.85
CA SER A 107 -29.69 0.63 3.59
C SER A 107 -31.05 1.24 3.59
N SER A 108 -32.07 0.41 3.37
CA SER A 108 -33.44 0.85 3.42
C SER A 108 -33.50 1.78 4.57
N ASP A 109 -34.00 2.96 4.36
CA ASP A 109 -34.00 3.83 5.50
C ASP A 109 -34.83 3.31 6.65
N LYS A 110 -35.99 2.79 6.28
CA LYS A 110 -36.94 2.24 7.22
C LYS A 110 -36.39 1.03 7.97
N TYR A 111 -36.02 0.00 7.24
CA TYR A 111 -35.46 -1.16 7.86
C TYR A 111 -34.03 -0.94 7.95
N GLY A 112 -33.26 -1.96 7.70
CA GLY A 112 -31.83 -1.75 7.81
C GLY A 112 -31.40 -1.33 9.20
N ASP A 113 -32.34 -0.84 10.02
CA ASP A 113 -32.11 -0.44 11.38
C ASP A 113 -32.27 -1.68 12.21
N ASP A 114 -33.43 -2.31 12.04
CA ASP A 114 -33.67 -3.55 12.73
C ASP A 114 -32.83 -4.65 12.09
N THR A 115 -32.75 -4.62 10.74
CA THR A 115 -31.96 -5.59 10.01
C THR A 115 -30.71 -5.91 10.80
N VAL A 116 -30.02 -4.84 11.23
CA VAL A 116 -28.81 -5.05 12.01
C VAL A 116 -29.11 -5.86 13.25
N LYS A 117 -29.96 -5.28 14.10
CA LYS A 117 -30.36 -5.96 15.32
C LYS A 117 -30.46 -7.43 15.04
N PHE A 118 -31.36 -7.80 14.14
CA PHE A 118 -31.42 -9.18 13.88
C PHE A 118 -30.09 -9.83 14.22
N PHE A 119 -29.01 -9.42 13.53
CA PHE A 119 -27.69 -10.02 13.82
C PHE A 119 -27.11 -9.53 15.09
N GLN A 120 -27.41 -8.31 15.44
CA GLN A 120 -26.83 -7.88 16.68
C GLN A 120 -27.14 -8.96 17.72
N GLU A 121 -28.42 -9.43 17.74
CA GLU A 121 -28.86 -10.48 18.67
C GLU A 121 -28.38 -11.88 18.31
N ASP A 122 -28.31 -12.21 17.02
CA ASP A 122 -27.85 -13.54 16.61
C ASP A 122 -26.59 -13.43 15.73
N PRO A 123 -25.51 -12.90 16.33
CA PRO A 123 -24.20 -12.66 15.69
C PRO A 123 -23.61 -13.84 14.95
N LYS A 124 -24.30 -14.94 15.04
CA LYS A 124 -23.95 -16.14 14.34
C LYS A 124 -24.68 -16.09 13.01
N GLN A 125 -25.89 -15.55 13.06
CA GLN A 125 -26.65 -15.40 11.87
C GLN A 125 -25.71 -14.78 10.87
N LEU A 126 -25.01 -13.79 11.40
CA LEU A 126 -24.00 -13.12 10.65
C LEU A 126 -22.91 -14.09 10.23
N GLU A 127 -22.64 -15.05 11.08
CA GLU A 127 -21.65 -16.04 10.75
C GLU A 127 -22.19 -16.87 9.62
N GLN A 128 -23.46 -17.18 9.72
CA GLN A 128 -24.10 -17.98 8.73
C GLN A 128 -24.19 -17.28 7.41
N LEU A 129 -24.80 -16.11 7.43
CA LEU A 129 -24.91 -15.32 6.23
C LEU A 129 -23.56 -15.27 5.54
N PHE A 130 -22.59 -15.04 6.37
CA PHE A 130 -21.27 -14.98 5.89
C PHE A 130 -20.96 -16.18 5.03
N ASP A 131 -21.32 -17.37 5.48
CA ASP A 131 -21.00 -18.48 4.58
C ASP A 131 -21.73 -18.39 3.29
N VAL A 132 -22.97 -18.02 3.33
CA VAL A 132 -23.65 -17.93 2.07
C VAL A 132 -23.19 -16.72 1.30
N SER A 133 -22.27 -16.01 1.86
CA SER A 133 -21.87 -14.84 1.17
C SER A 133 -20.52 -14.93 0.52
N LEU A 134 -20.31 -14.00 -0.43
CA LEU A 134 -19.08 -13.85 -1.18
C LEU A 134 -18.94 -14.91 -2.26
N LYS A 135 -19.99 -15.20 -3.01
CA LYS A 135 -19.84 -16.26 -4.01
C LYS A 135 -20.61 -16.12 -5.33
N GLY A 136 -19.99 -16.64 -6.40
CA GLY A 136 -20.55 -16.64 -7.73
C GLY A 136 -20.30 -15.37 -8.52
N ASP A 137 -21.27 -15.04 -9.37
CA ASP A 137 -21.21 -13.86 -10.21
C ASP A 137 -20.48 -12.73 -9.49
N PHE A 138 -19.68 -11.97 -10.22
CA PHE A 138 -18.98 -10.87 -9.58
C PHE A 138 -19.91 -10.00 -8.70
N GLN A 139 -21.11 -9.65 -9.17
CA GLN A 139 -22.02 -8.85 -8.37
C GLN A 139 -22.47 -9.61 -7.14
N THR A 140 -23.08 -10.78 -7.35
CA THR A 140 -23.46 -11.57 -6.20
C THR A 140 -22.43 -11.41 -5.08
N VAL A 141 -21.16 -11.56 -5.47
CA VAL A 141 -20.05 -11.42 -4.57
C VAL A 141 -19.95 -10.03 -3.92
N LEU A 142 -20.26 -9.02 -4.65
CA LEU A 142 -20.17 -7.70 -4.10
C LEU A 142 -21.19 -7.37 -3.03
N ILE A 143 -22.44 -7.40 -3.46
CA ILE A 143 -23.52 -7.09 -2.56
C ILE A 143 -23.35 -7.94 -1.38
N SER A 144 -23.08 -9.23 -1.66
CA SER A 144 -22.83 -10.11 -0.56
C SER A 144 -21.81 -9.40 0.32
N GLY A 145 -20.60 -9.20 -0.22
CA GLY A 145 -19.59 -8.46 0.53
C GLY A 145 -20.28 -7.26 1.18
N PHE A 146 -20.63 -6.29 0.35
CA PHE A 146 -21.32 -5.12 0.81
C PHE A 146 -22.11 -5.43 2.08
N ASN A 147 -23.05 -6.34 1.95
CA ASN A 147 -23.89 -6.73 3.09
C ASN A 147 -23.05 -7.10 4.28
N VAL A 148 -22.49 -8.29 4.13
CA VAL A 148 -21.63 -8.84 5.13
C VAL A 148 -20.82 -7.75 5.85
N VAL A 149 -20.11 -6.86 5.11
CA VAL A 149 -19.33 -5.78 5.73
C VAL A 149 -20.23 -4.81 6.47
N SER A 150 -21.21 -4.28 5.74
CA SER A 150 -22.14 -3.41 6.39
C SER A 150 -22.30 -3.87 7.86
N LEU A 151 -22.46 -5.19 8.04
CA LEU A 151 -22.56 -5.71 9.38
C LEU A 151 -21.19 -5.77 10.08
N LEU A 152 -20.27 -6.63 9.64
CA LEU A 152 -18.97 -6.75 10.32
C LEU A 152 -18.55 -5.47 11.05
N VAL A 153 -18.63 -4.31 10.42
CA VAL A 153 -18.25 -3.08 11.13
C VAL A 153 -19.40 -2.53 11.93
N GLN A 154 -20.26 -3.41 12.38
CA GLN A 154 -21.45 -2.95 13.08
C GLN A 154 -21.35 -2.74 14.58
N ASN A 155 -22.08 -1.69 15.02
CA ASN A 155 -22.22 -1.28 16.40
C ASN A 155 -21.48 -2.15 17.40
N GLY A 156 -21.77 -3.46 17.33
CA GLY A 156 -21.19 -4.46 18.21
C GLY A 156 -21.34 -5.85 17.62
N LEU A 157 -20.90 -5.97 16.34
CA LEU A 157 -20.90 -7.22 15.56
C LEU A 157 -19.48 -7.63 15.17
N HIS A 158 -18.54 -6.74 15.51
CA HIS A 158 -17.10 -6.92 15.25
C HIS A 158 -16.76 -8.38 15.27
N ASN A 159 -16.09 -8.84 14.24
CA ASN A 159 -15.80 -10.23 14.22
C ASN A 159 -14.69 -10.52 13.26
N VAL A 160 -13.55 -10.16 13.70
CA VAL A 160 -12.38 -10.33 12.91
C VAL A 160 -12.29 -11.69 12.26
N LYS A 161 -12.40 -12.76 13.02
CA LYS A 161 -12.26 -14.03 12.32
C LYS A 161 -12.88 -13.97 10.92
N LEU A 162 -14.13 -13.47 10.88
CA LEU A 162 -14.79 -13.26 9.61
C LEU A 162 -13.88 -12.37 8.77
N VAL A 163 -13.63 -11.14 9.27
CA VAL A 163 -12.75 -10.24 8.53
C VAL A 163 -11.53 -11.02 8.08
N GLU A 164 -10.90 -11.59 9.04
CA GLU A 164 -9.77 -12.38 8.76
C GLU A 164 -10.10 -13.26 7.58
N LYS A 165 -11.29 -13.79 7.57
CA LYS A 165 -11.66 -14.65 6.47
C LYS A 165 -11.76 -13.88 5.17
N LEU A 166 -12.77 -13.03 5.04
CA LEU A 166 -12.92 -12.26 3.83
C LEU A 166 -11.62 -11.63 3.36
N LEU A 167 -10.73 -11.36 4.29
CA LEU A 167 -9.46 -10.81 3.93
C LEU A 167 -8.75 -11.82 3.06
N LYS A 168 -8.93 -13.10 3.35
CA LYS A 168 -8.27 -14.12 2.55
C LYS A 168 -9.15 -14.67 1.48
N ASN A 169 -10.38 -14.21 1.43
CA ASN A 169 -11.23 -14.74 0.40
C ASN A 169 -10.72 -14.29 -0.93
N ASN A 170 -10.89 -15.13 -1.92
CA ASN A 170 -10.42 -14.73 -3.21
C ASN A 170 -11.38 -13.83 -3.90
N ASN A 171 -12.32 -14.47 -4.51
CA ASN A 171 -13.35 -13.82 -5.24
C ASN A 171 -13.34 -12.34 -5.05
N LEU A 172 -13.48 -11.91 -3.80
CA LEU A 172 -13.50 -10.48 -3.56
C LEU A 172 -12.14 -9.82 -3.69
N ILE A 173 -11.13 -10.45 -3.11
CA ILE A 173 -9.80 -9.93 -3.28
C ILE A 173 -9.54 -9.77 -4.77
N ASN A 174 -9.82 -10.84 -5.52
CA ASN A 174 -9.61 -10.80 -6.95
C ASN A 174 -10.29 -9.61 -7.61
N ILE A 175 -11.52 -9.37 -7.18
CA ILE A 175 -12.26 -8.25 -7.70
C ILE A 175 -11.52 -6.96 -7.47
N LEU A 176 -11.01 -6.90 -6.25
CA LEU A 176 -10.27 -5.77 -5.79
C LEU A 176 -8.99 -5.60 -6.57
N GLN A 177 -8.31 -6.72 -6.89
CA GLN A 177 -7.04 -6.62 -7.64
C GLN A 177 -7.21 -6.18 -9.07
N ASN A 178 -8.23 -6.68 -9.74
CA ASN A 178 -8.40 -6.26 -11.10
C ASN A 178 -8.78 -4.78 -11.15
N ILE A 179 -7.79 -3.92 -11.51
CA ILE A 179 -7.98 -2.45 -11.57
C ILE A 179 -8.74 -1.99 -12.78
N GLU A 180 -8.74 -2.86 -13.79
CA GLU A 180 -9.39 -2.57 -15.05
C GLU A 180 -10.88 -2.24 -14.89
N GLN A 181 -11.56 -2.89 -13.93
CA GLN A 181 -12.98 -2.65 -13.64
C GLN A 181 -13.11 -1.69 -12.46
N MET A 182 -12.90 -0.45 -12.73
CA MET A 182 -12.96 0.54 -11.69
C MET A 182 -14.14 0.42 -10.78
N ASP A 183 -15.36 0.58 -11.33
CA ASP A 183 -16.56 0.49 -10.52
C ASP A 183 -16.42 -0.50 -9.38
N THR A 184 -16.15 -1.78 -9.74
CA THR A 184 -15.95 -2.82 -8.74
C THR A 184 -14.68 -2.57 -7.92
N CYS A 185 -13.53 -2.85 -8.50
CA CYS A 185 -12.31 -2.56 -7.78
C CYS A 185 -12.61 -1.45 -6.80
N TYR A 186 -13.07 -0.32 -7.36
CA TYR A 186 -13.46 0.81 -6.55
C TYR A 186 -14.23 0.33 -5.32
N VAL A 187 -15.47 -0.11 -5.52
CA VAL A 187 -16.24 -0.63 -4.39
C VAL A 187 -15.37 -1.35 -3.40
N CYS A 188 -14.99 -2.62 -3.73
CA CYS A 188 -14.14 -3.45 -2.87
C CYS A 188 -13.36 -2.60 -1.92
N ILE A 189 -12.44 -1.85 -2.50
CA ILE A 189 -11.62 -0.95 -1.73
C ILE A 189 -12.44 -0.18 -0.74
N ARG A 190 -13.42 0.58 -1.20
CA ARG A 190 -14.25 1.26 -0.24
C ARG A 190 -14.65 0.29 0.87
N LEU A 191 -15.21 -0.90 0.50
CA LEU A 191 -15.51 -1.90 1.55
C LEU A 191 -14.33 -2.00 2.52
N LEU A 192 -13.28 -2.71 2.10
CA LEU A 192 -12.05 -2.87 2.86
C LEU A 192 -11.82 -1.65 3.78
N GLN A 193 -11.56 -0.48 3.18
CA GLN A 193 -11.40 0.79 3.90
C GLN A 193 -12.45 1.05 5.01
N GLU A 194 -13.74 0.69 4.80
CA GLU A 194 -14.77 0.89 5.85
C GLU A 194 -14.46 0.07 7.13
N LEU A 195 -13.90 -1.10 6.89
CA LEU A 195 -13.47 -2.01 7.91
C LEU A 195 -12.31 -1.41 8.66
N ALA A 196 -11.34 -0.88 7.88
CA ALA A 196 -10.15 -0.24 8.43
C ALA A 196 -10.58 0.81 9.42
N VAL A 197 -11.82 1.34 9.22
CA VAL A 197 -12.32 2.30 10.20
C VAL A 197 -12.30 1.74 11.63
N ILE A 198 -12.48 0.40 11.68
CA ILE A 198 -12.53 -0.40 12.88
C ILE A 198 -11.18 -0.74 13.40
N PRO A 199 -10.75 0.14 14.20
CA PRO A 199 -9.47 0.04 14.83
C PRO A 199 -9.02 -1.42 14.98
N GLU A 200 -9.82 -2.20 15.62
CA GLU A 200 -9.51 -3.62 15.85
C GLU A 200 -9.11 -4.36 14.59
N TYR A 201 -9.97 -4.19 13.57
CA TYR A 201 -9.78 -4.76 12.26
C TYR A 201 -8.41 -4.34 11.76
N ARG A 202 -8.10 -3.08 12.04
CA ARG A 202 -6.87 -2.55 11.55
C ARG A 202 -5.71 -3.55 11.53
N ASP A 203 -5.53 -4.31 12.60
CA ASP A 203 -4.40 -5.25 12.62
C ASP A 203 -4.52 -6.37 11.60
N VAL A 204 -5.68 -7.01 11.61
CA VAL A 204 -6.00 -8.10 10.69
C VAL A 204 -5.62 -7.72 9.29
N ILE A 205 -6.23 -6.63 8.88
CA ILE A 205 -6.06 -6.05 7.59
C ILE A 205 -4.61 -5.92 7.25
N TRP A 206 -3.92 -5.05 7.99
CA TRP A 206 -2.53 -4.82 7.71
C TRP A 206 -1.79 -6.11 7.58
N LEU A 207 -2.20 -7.03 8.38
CA LEU A 207 -1.59 -8.30 8.34
C LEU A 207 -1.53 -8.89 6.90
N HIS A 208 -2.43 -8.47 5.99
CA HIS A 208 -2.41 -8.98 4.64
C HIS A 208 -2.25 -7.88 3.62
N GLU A 209 -1.60 -6.83 4.04
CA GLU A 209 -1.38 -5.70 3.18
C GLU A 209 -0.95 -6.16 1.83
N LYS A 210 -0.21 -7.27 1.83
CA LYS A 210 0.33 -7.89 0.61
C LYS A 210 -0.68 -8.12 -0.52
N LYS A 211 -1.94 -7.89 -0.27
CA LYS A 211 -2.94 -8.16 -1.27
C LYS A 211 -3.57 -6.93 -1.85
N PHE A 212 -3.85 -5.98 -0.98
CA PHE A 212 -4.46 -4.76 -1.41
C PHE A 212 -3.40 -3.72 -1.72
N MET A 213 -2.37 -3.66 -0.86
CA MET A 213 -1.27 -2.68 -0.98
C MET A 213 -0.76 -2.48 -2.40
N PRO A 214 -0.20 -3.51 -2.97
CA PRO A 214 0.25 -3.40 -4.33
C PRO A 214 -0.79 -2.67 -5.18
N THR A 215 -1.98 -3.28 -5.27
CA THR A 215 -3.05 -2.70 -6.05
C THR A 215 -3.15 -1.23 -5.81
N LEU A 216 -3.22 -0.88 -4.53
CA LEU A 216 -3.35 0.51 -4.13
C LEU A 216 -2.40 1.37 -4.90
N PHE A 217 -1.16 0.95 -4.87
CA PHE A 217 -0.17 1.69 -5.60
C PHE A 217 -0.37 1.66 -7.09
N LYS A 218 -0.53 0.48 -7.72
CA LYS A 218 -0.78 0.53 -9.15
C LYS A 218 -1.81 1.60 -9.40
N ILE A 219 -2.79 1.66 -8.53
CA ILE A 219 -3.81 2.66 -8.68
C ILE A 219 -3.25 4.08 -8.59
N LEU A 220 -2.09 4.19 -7.99
CA LEU A 220 -1.45 5.47 -7.80
C LEU A 220 -0.51 5.94 -8.90
N GLN A 221 0.11 5.02 -9.64
CA GLN A 221 0.94 5.54 -10.70
C GLN A 221 -0.05 6.06 -11.66
N ARG A 222 -0.84 5.14 -12.16
CA ARG A 222 -1.89 5.49 -13.04
C ARG A 222 -2.39 6.90 -12.77
N ALA A 223 -2.60 7.20 -11.48
CA ALA A 223 -3.06 8.52 -11.11
C ALA A 223 -1.94 9.57 -11.30
N THR A 224 -0.75 9.27 -10.71
CA THR A 224 0.45 10.11 -10.77
C THR A 224 0.69 10.78 -12.11
N ASP A 225 0.05 10.22 -13.18
CA ASP A 225 0.10 10.73 -14.58
C ASP A 225 -1.34 11.06 -15.09
N HIS A 239 -14.03 11.69 -11.93
CA HIS A 239 -14.63 11.66 -10.61
C HIS A 239 -14.44 10.29 -9.97
N LEU A 240 -14.63 9.24 -10.80
CA LEU A 240 -14.45 7.83 -10.39
C LEU A 240 -13.01 7.46 -10.07
N GLY A 241 -12.14 7.87 -10.99
CA GLY A 241 -10.71 7.65 -10.91
C GLY A 241 -10.08 8.55 -9.87
N ILE A 242 -10.85 9.55 -9.46
CA ILE A 242 -10.47 10.56 -8.47
C ILE A 242 -11.20 10.31 -7.16
N GLN A 243 -11.58 9.08 -6.99
CA GLN A 243 -12.31 8.69 -5.85
C GLN A 243 -11.59 7.46 -5.35
N LEU A 244 -11.23 6.69 -6.35
CA LEU A 244 -10.45 5.50 -6.18
C LEU A 244 -9.16 5.91 -5.51
N GLN A 245 -8.57 6.95 -6.07
CA GLN A 245 -7.32 7.44 -5.59
C GLN A 245 -7.42 7.70 -4.12
N TYR A 246 -8.37 8.53 -3.82
CA TYR A 246 -8.69 8.90 -2.49
C TYR A 246 -8.94 7.66 -1.60
N HIS A 247 -10.08 7.01 -1.88
CA HIS A 247 -10.44 5.84 -1.12
C HIS A 247 -9.23 4.96 -0.83
N SER A 248 -8.44 4.65 -1.86
CA SER A 248 -7.23 3.90 -1.57
C SER A 248 -6.31 4.65 -0.59
N LEU A 249 -6.17 5.96 -0.74
CA LEU A 249 -5.30 6.67 0.20
C LEU A 249 -5.79 6.39 1.55
N LEU A 250 -7.00 6.88 1.70
CA LEU A 250 -7.70 6.73 2.91
C LEU A 250 -7.44 5.38 3.51
N LEU A 251 -7.85 4.32 2.81
CA LEU A 251 -7.55 3.06 3.38
C LEU A 251 -6.15 3.13 3.96
N ILE A 252 -5.17 3.55 3.16
CA ILE A 252 -3.81 3.62 3.69
C ILE A 252 -3.78 4.47 4.95
N TRP A 253 -3.87 5.75 4.71
CA TRP A 253 -3.87 6.69 5.76
C TRP A 253 -4.36 6.13 7.06
N LEU A 254 -5.44 5.40 7.00
CA LEU A 254 -6.04 4.77 8.18
C LEU A 254 -5.04 3.96 8.95
N LEU A 255 -4.78 2.78 8.42
CA LEU A 255 -3.85 1.84 9.03
C LEU A 255 -2.55 2.48 9.44
N THR A 256 -2.00 3.27 8.50
CA THR A 256 -0.74 3.99 8.61
C THR A 256 -0.59 4.65 9.94
N PHE A 257 -1.73 4.90 10.54
CA PHE A 257 -1.87 5.51 11.82
C PHE A 257 -1.05 4.86 12.92
N ASN A 258 -0.50 3.66 12.66
CA ASN A 258 0.31 3.02 13.69
C ASN A 258 1.77 2.97 13.36
N PRO A 259 2.45 3.87 14.00
CA PRO A 259 3.88 4.03 13.89
C PRO A 259 4.52 2.83 13.27
N VAL A 260 4.20 1.67 13.77
CA VAL A 260 4.77 0.49 13.18
C VAL A 260 4.24 0.26 11.76
N PHE A 261 2.95 0.16 11.65
CA PHE A 261 2.42 0.00 10.35
C PHE A 261 3.12 0.98 9.45
N ALA A 262 3.17 2.25 9.89
CA ALA A 262 3.81 3.31 9.15
C ALA A 262 5.25 2.94 8.91
N ASN A 263 5.86 2.50 9.99
CA ASN A 263 7.20 2.03 9.90
C ASN A 263 7.29 1.14 8.69
N GLU A 264 6.65 0.00 8.79
CA GLU A 264 6.61 -1.00 7.75
C GLU A 264 6.37 -0.47 6.33
N LEU A 265 5.21 0.10 6.07
CA LEU A 265 4.93 0.63 4.74
C LEU A 265 6.14 1.26 4.14
N VAL A 266 6.53 2.37 4.74
CA VAL A 266 7.66 3.13 4.26
C VAL A 266 8.83 2.26 3.84
N GLN A 267 9.32 1.45 4.74
CA GLN A 267 10.44 0.62 4.37
C GLN A 267 10.05 -0.76 3.81
N LYS A 268 9.10 -0.77 2.88
CA LYS A 268 8.65 -1.99 2.21
C LYS A 268 7.98 -1.64 0.89
N TYR A 269 7.32 -0.48 0.92
CA TYR A 269 6.62 0.08 -0.19
C TYR A 269 7.21 1.47 -0.46
N LEU A 270 8.51 1.55 -0.23
CA LEU A 270 9.29 2.78 -0.36
C LEU A 270 9.10 3.54 -1.64
N SER A 271 9.67 3.02 -2.71
CA SER A 271 9.55 3.66 -3.99
C SER A 271 8.22 4.41 -4.06
N ASP A 272 7.12 3.65 -4.11
CA ASP A 272 5.78 4.24 -4.18
C ASP A 272 5.58 5.33 -3.13
N PHE A 273 5.92 5.01 -1.88
CA PHE A 273 5.84 5.99 -0.82
C PHE A 273 6.23 7.34 -1.42
N LEU A 274 7.53 7.48 -1.61
CA LEU A 274 8.12 8.68 -2.17
C LEU A 274 7.28 9.27 -3.28
N ASP A 275 6.54 8.42 -3.98
CA ASP A 275 5.68 8.86 -5.07
C ASP A 275 4.54 9.65 -4.63
N LEU A 276 3.98 9.29 -3.50
CA LEU A 276 2.86 10.04 -3.08
C LEU A 276 3.03 11.44 -3.59
N LEU A 277 4.17 12.03 -3.25
CA LEU A 277 4.56 13.38 -3.68
C LEU A 277 4.18 13.67 -5.12
N LYS A 278 4.72 12.86 -6.01
CA LYS A 278 4.36 13.00 -7.39
C LYS A 278 2.85 13.34 -7.53
N LEU A 279 2.00 12.50 -6.96
CA LEU A 279 0.59 12.80 -7.05
C LEU A 279 0.33 14.00 -6.23
N VAL A 280 0.90 14.01 -5.05
CA VAL A 280 0.70 15.13 -4.17
C VAL A 280 0.75 16.41 -4.96
N LYS A 281 1.69 16.42 -5.92
CA LYS A 281 1.95 17.56 -6.81
C LYS A 281 0.88 17.75 -7.85
N ILE A 282 1.00 16.91 -8.86
CA ILE A 282 0.17 16.86 -10.03
C ILE A 282 -1.36 16.92 -9.75
N THR A 283 -1.73 16.61 -8.52
CA THR A 283 -3.11 16.47 -8.11
C THR A 283 -3.91 17.71 -7.79
N ILE A 284 -5.22 17.53 -7.94
CA ILE A 284 -6.38 18.30 -7.53
C ILE A 284 -7.60 17.58 -7.99
N LYS A 285 -8.68 17.45 -7.15
CA LYS A 285 -9.03 18.18 -5.96
C LYS A 285 -8.12 18.07 -4.74
N GLU A 286 -8.35 18.83 -3.69
CA GLU A 286 -7.44 18.83 -2.51
C GLU A 286 -7.80 17.80 -1.42
N LYS A 287 -8.53 16.80 -1.82
CA LYS A 287 -8.95 15.80 -0.92
C LYS A 287 -8.00 14.64 -0.90
N VAL A 288 -7.23 14.60 -1.95
CA VAL A 288 -6.24 13.61 -2.11
C VAL A 288 -4.98 14.07 -1.46
N SER A 289 -4.40 15.09 -2.07
CA SER A 289 -3.22 15.68 -1.52
C SER A 289 -3.29 15.52 -0.01
N ARG A 290 -4.16 16.31 0.62
CA ARG A 290 -4.33 16.17 2.04
C ARG A 290 -3.93 14.76 2.46
N LEU A 291 -4.72 13.77 2.06
CA LEU A 291 -4.39 12.40 2.41
C LEU A 291 -2.91 12.14 2.27
N CYS A 292 -2.34 12.41 1.07
CA CYS A 292 -0.92 12.21 0.81
C CYS A 292 -0.13 12.88 1.88
N ILE A 293 -0.12 14.18 1.76
CA ILE A 293 0.58 14.99 2.70
C ILE A 293 0.50 14.35 4.08
N SER A 294 -0.72 14.11 4.54
CA SER A 294 -0.87 13.46 5.81
C SER A 294 -0.09 12.14 5.87
N ILE A 295 -0.54 11.12 5.15
CA ILE A 295 0.19 9.87 5.21
C ILE A 295 1.64 10.13 5.44
N ILE A 296 2.18 10.97 4.57
CA ILE A 296 3.57 11.34 4.59
C ILE A 296 4.02 11.69 5.98
N LEU A 297 3.36 12.68 6.58
CA LEU A 297 3.64 13.12 7.92
C LEU A 297 3.55 11.98 8.92
N GLN A 298 2.43 11.28 8.85
CA GLN A 298 2.17 10.17 9.74
C GLN A 298 3.37 9.33 9.77
N CYS A 299 3.94 9.21 8.60
CA CYS A 299 5.12 8.41 8.42
C CYS A 299 6.39 9.03 8.97
N CYS A 300 6.34 10.32 9.35
CA CYS A 300 7.48 11.00 9.96
C CYS A 300 7.11 11.40 11.36
N SER A 301 5.87 11.08 11.72
CA SER A 301 5.38 11.42 13.02
C SER A 301 6.43 11.14 14.03
N THR A 302 6.35 11.90 15.11
CA THR A 302 7.28 11.75 16.22
C THR A 302 7.37 10.29 16.61
N ARG A 303 6.22 9.60 16.40
CA ARG A 303 5.98 8.20 16.74
C ARG A 303 6.62 7.14 15.84
N VAL A 304 6.55 7.30 14.53
CA VAL A 304 7.21 6.31 13.73
C VAL A 304 8.65 6.32 14.21
N LYS A 305 9.18 5.12 14.52
CA LYS A 305 10.55 4.93 15.00
C LYS A 305 11.58 5.31 13.95
N GLN A 306 12.51 6.14 14.39
CA GLN A 306 13.54 6.63 13.50
C GLN A 306 12.98 7.18 12.19
N HIS A 307 11.96 8.04 12.36
CA HIS A 307 11.36 8.71 11.25
C HIS A 307 12.50 9.36 10.49
N LYS A 308 13.46 9.82 11.30
CA LYS A 308 14.62 10.44 10.78
C LYS A 308 14.91 9.86 9.43
N LYS A 309 15.23 8.56 9.39
CA LYS A 309 15.50 7.99 8.08
C LYS A 309 14.46 8.54 7.10
N VAL A 310 13.20 8.28 7.42
CA VAL A 310 12.16 8.76 6.56
C VAL A 310 12.43 10.17 6.10
N ILE A 311 12.48 11.14 7.03
CA ILE A 311 12.80 12.47 6.57
C ILE A 311 13.96 12.42 5.62
N LYS A 312 15.07 11.88 6.06
CA LYS A 312 16.22 11.72 5.17
C LYS A 312 15.69 11.30 3.83
N GLN A 313 15.37 10.04 3.73
CA GLN A 313 14.76 9.49 2.52
C GLN A 313 13.93 10.52 1.71
N LEU A 314 12.86 11.08 2.30
CA LEU A 314 12.04 12.06 1.57
C LEU A 314 12.89 13.11 0.89
N LEU A 315 13.65 13.78 1.74
CA LEU A 315 14.59 14.81 1.35
C LEU A 315 15.56 14.30 0.32
N LEU A 316 16.28 13.31 0.81
CA LEU A 316 17.34 12.63 0.12
C LEU A 316 16.93 11.83 -1.11
N LEU A 317 16.05 10.87 -0.92
CA LEU A 317 15.67 9.98 -2.00
C LEU A 317 14.43 10.34 -2.78
N GLY A 318 13.66 11.29 -2.30
CA GLY A 318 12.46 11.62 -3.03
C GLY A 318 12.27 13.09 -3.25
N ASN A 319 13.31 13.88 -3.01
CA ASN A 319 13.21 15.31 -3.24
C ASN A 319 11.97 15.87 -2.63
N ALA A 320 11.72 15.48 -1.40
CA ALA A 320 10.56 15.99 -0.75
C ALA A 320 10.61 17.48 -0.84
N LEU A 321 11.61 18.04 -0.19
CA LEU A 321 11.80 19.47 -0.10
C LEU A 321 11.24 20.31 -1.23
N PRO A 322 12.02 20.46 -2.31
CA PRO A 322 11.60 21.25 -3.48
C PRO A 322 10.10 21.17 -3.63
N THR A 323 9.72 19.94 -3.89
CA THR A 323 8.38 19.49 -4.09
C THR A 323 7.41 20.18 -3.13
N VAL A 324 7.73 20.14 -1.82
CA VAL A 324 6.89 20.69 -0.76
C VAL A 324 6.94 22.19 -0.75
N GLN A 325 8.13 22.71 -0.97
CA GLN A 325 8.31 24.13 -0.98
C GLN A 325 7.30 24.69 -1.93
N SER A 326 7.27 24.08 -3.10
CA SER A 326 6.38 24.50 -4.20
C SER A 326 4.93 24.46 -3.75
N LEU A 327 4.52 23.36 -3.12
CA LEU A 327 3.15 23.29 -2.65
C LEU A 327 2.93 24.31 -1.56
N SER A 328 3.78 24.25 -0.55
CA SER A 328 3.72 25.12 0.64
C SER A 328 3.09 26.46 0.36
N GLU A 329 3.36 26.97 -0.83
CA GLU A 329 2.84 28.23 -1.30
C GLU A 329 1.87 27.98 -2.44
N ARG A 330 0.59 28.10 -2.16
CA ARG A 330 -0.39 27.86 -3.17
C ARG A 330 -1.83 28.08 -2.76
N LYS A 331 -2.67 27.51 -3.61
CA LYS A 331 -4.12 27.52 -3.54
C LYS A 331 -4.66 26.34 -2.73
N TYR A 332 -4.94 26.60 -1.47
CA TYR A 332 -5.47 25.58 -0.63
C TYR A 332 -6.66 26.10 0.10
N SER A 333 -7.73 26.33 -0.63
CA SER A 333 -8.94 26.80 0.02
C SER A 333 -9.15 26.08 1.36
N ASP A 334 -8.73 24.80 1.39
CA ASP A 334 -8.79 23.95 2.57
C ASP A 334 -7.62 24.20 3.52
N GLU A 335 -7.73 25.24 4.34
CA GLU A 335 -6.70 25.61 5.28
C GLU A 335 -5.81 24.43 5.66
N GLU A 336 -6.25 23.70 6.70
CA GLU A 336 -5.56 22.50 7.18
C GLU A 336 -4.58 21.96 6.12
N LEU A 337 -5.03 21.89 4.85
CA LEU A 337 -4.18 21.46 3.75
C LEU A 337 -2.88 22.20 3.78
N ARG A 338 -2.96 23.55 3.73
CA ARG A 338 -1.75 24.37 3.75
C ARG A 338 -0.97 24.05 4.97
N GLN A 339 -1.72 24.07 6.06
CA GLN A 339 -1.16 23.75 7.32
C GLN A 339 -0.28 22.57 7.18
N ASP A 340 -0.92 21.42 7.06
CA ASP A 340 -0.17 20.20 6.90
C ASP A 340 1.02 20.43 6.01
N ILE A 341 0.78 20.96 4.83
CA ILE A 341 1.89 21.26 3.95
C ILE A 341 2.93 22.11 4.65
N SER A 342 2.51 23.26 5.19
CA SER A 342 3.42 24.10 5.92
C SER A 342 4.24 23.29 6.92
N ASN A 343 3.52 22.46 7.68
CA ASN A 343 4.12 21.59 8.68
C ASN A 343 5.17 20.66 8.10
N LEU A 344 4.82 19.98 7.00
CA LEU A 344 5.77 19.08 6.37
C LEU A 344 7.01 19.89 6.10
N LYS A 345 6.79 21.02 5.44
CA LYS A 345 7.84 21.96 5.10
C LYS A 345 8.87 22.04 6.23
N GLU A 346 8.41 22.52 7.38
CA GLU A 346 9.29 22.63 8.50
C GLU A 346 10.09 21.36 8.71
N ILE A 347 9.44 20.24 9.04
CA ILE A 347 10.18 18.99 9.26
C ILE A 347 11.35 18.84 8.35
N LEU A 348 11.03 18.73 7.05
CA LEU A 348 12.03 18.60 6.02
C LEU A 348 13.13 19.63 6.24
N GLU A 349 12.84 20.89 5.95
CA GLU A 349 13.81 21.91 6.24
C GLU A 349 14.75 21.55 7.41
N ASN A 350 14.30 21.59 8.64
CA ASN A 350 15.21 21.22 9.74
C ASN A 350 16.03 20.01 9.41
N GLU A 351 15.49 18.83 9.57
CA GLU A 351 16.32 17.68 9.19
C GLU A 351 17.37 18.04 8.15
N TYR A 352 16.96 18.75 7.12
CA TYR A 352 17.88 19.13 6.08
C TYR A 352 19.12 19.72 6.70
N GLN A 353 19.00 20.87 7.31
CA GLN A 353 20.20 21.44 7.92
C GLN A 353 21.13 20.36 8.50
N GLU A 354 20.58 19.54 9.41
CA GLU A 354 21.35 18.47 10.03
C GLU A 354 21.93 17.43 9.07
N LEU A 355 21.97 17.83 7.79
CA LEU A 355 22.48 17.03 6.69
C LEU A 355 23.94 17.28 6.41
N THR A 356 24.70 16.18 6.54
CA THR A 356 26.12 16.04 6.30
C THR A 356 26.29 15.42 4.91
N SER A 357 27.39 15.65 4.23
CA SER A 357 27.55 15.04 2.91
C SER A 357 27.53 13.51 2.99
N PHE A 358 27.95 12.99 4.12
CA PHE A 358 28.02 11.56 4.33
C PHE A 358 26.68 10.96 4.12
N ASP A 359 25.70 11.60 4.70
CA ASP A 359 24.39 11.05 4.56
C ASP A 359 24.19 10.73 3.11
N GLU A 360 24.34 11.77 2.30
CA GLU A 360 24.22 11.60 0.87
C GLU A 360 24.92 10.31 0.54
N TYR A 361 26.14 10.16 1.06
CA TYR A 361 26.89 8.96 0.80
C TYR A 361 26.06 7.75 1.03
N VAL A 362 25.66 7.60 2.26
CA VAL A 362 24.85 6.48 2.58
C VAL A 362 23.71 6.37 1.58
N ALA A 363 22.81 7.35 1.58
CA ALA A 363 21.72 7.34 0.59
C ALA A 363 22.12 6.56 -0.66
N GLU A 364 23.12 7.04 -1.41
CA GLU A 364 23.54 6.26 -2.56
C GLU A 364 23.91 4.83 -2.19
N LEU A 365 24.82 4.67 -1.23
CA LEU A 365 25.19 3.32 -0.85
C LEU A 365 23.97 2.47 -0.56
N ASP A 366 23.23 2.87 0.47
CA ASP A 366 22.00 2.17 0.84
C ASP A 366 21.23 1.75 -0.38
N SER A 367 20.64 2.78 -1.04
CA SER A 367 19.81 2.70 -2.25
C SER A 367 20.50 1.99 -3.42
N LYS A 368 21.79 1.69 -3.29
CA LYS A 368 22.53 0.96 -4.33
C LYS A 368 22.73 1.73 -5.63
N LEU A 369 22.79 3.06 -5.50
CA LEU A 369 22.93 3.97 -6.63
C LEU A 369 24.12 4.95 -6.52
N LEU A 370 25.36 4.42 -6.67
CA LEU A 370 26.55 5.27 -6.61
C LEU A 370 26.63 6.21 -7.78
N CYS A 371 26.95 7.45 -7.48
CA CYS A 371 27.03 8.44 -8.52
C CYS A 371 28.38 9.01 -8.65
N TRP A 372 28.34 10.22 -9.10
CA TRP A 372 29.47 11.07 -9.24
C TRP A 372 29.05 12.37 -8.69
N SER A 373 29.49 12.61 -7.51
CA SER A 373 29.13 13.78 -6.85
C SER A 373 30.23 14.26 -6.00
N PRO A 374 30.45 15.57 -6.04
CA PRO A 374 31.51 16.21 -5.25
C PRO A 374 32.11 15.33 -4.14
N PRO A 375 31.34 15.07 -3.03
CA PRO A 375 31.83 14.25 -1.91
C PRO A 375 32.72 13.06 -2.35
N HIS A 376 32.29 12.37 -3.40
CA HIS A 376 33.03 11.24 -3.91
C HIS A 376 34.48 11.58 -4.13
N VAL A 377 34.69 12.64 -4.90
CA VAL A 377 36.01 13.13 -5.24
C VAL A 377 36.49 14.20 -4.28
N ASP A 378 35.95 14.16 -3.07
CA ASP A 378 36.35 15.13 -2.08
C ASP A 378 37.14 14.52 -0.94
N ASN A 379 38.48 14.50 -1.10
CA ASN A 379 39.36 13.96 -0.08
C ASN A 379 38.92 14.45 1.24
N GLY A 380 38.39 15.67 1.24
CA GLY A 380 37.81 16.26 2.42
C GLY A 380 36.61 15.44 2.86
N PHE A 381 35.70 15.19 1.96
CA PHE A 381 34.61 14.36 2.39
C PHE A 381 35.21 13.11 2.99
N TRP A 382 36.17 12.52 2.25
CA TRP A 382 36.85 11.31 2.70
C TRP A 382 37.60 11.52 3.98
N SER A 383 38.31 12.62 4.05
CA SER A 383 39.14 13.01 5.18
C SER A 383 38.39 13.16 6.50
N ASP A 384 37.05 13.20 6.45
CA ASP A 384 36.25 13.37 7.67
C ASP A 384 35.28 12.22 7.94
N ASN A 385 34.84 11.58 6.88
CA ASN A 385 33.87 10.53 7.00
C ASN A 385 34.45 9.14 6.95
N ILE A 386 35.79 9.06 6.91
CA ILE A 386 36.49 7.78 6.86
C ILE A 386 36.17 6.87 8.02
N ASP A 387 36.45 7.37 9.19
CA ASP A 387 36.19 6.58 10.33
C ASP A 387 34.91 5.84 10.16
N GLU A 388 33.90 6.60 9.73
CA GLU A 388 32.56 6.07 9.51
C GLU A 388 32.56 4.80 8.70
N PHE A 389 33.56 4.64 7.83
CA PHE A 389 33.62 3.42 7.03
C PHE A 389 34.16 2.29 7.85
N LYS A 390 35.09 2.65 8.73
CA LYS A 390 35.72 1.75 9.68
C LYS A 390 34.86 1.80 10.88
N LYS A 391 33.78 1.09 10.79
CA LYS A 391 32.88 1.13 11.87
C LYS A 391 32.84 -0.22 12.51
N ASP A 392 31.62 -0.70 12.60
CA ASP A 392 31.36 -1.98 13.15
C ASP A 392 31.92 -2.96 12.18
N ASN A 393 33.20 -3.11 12.28
CA ASN A 393 33.85 -3.93 11.35
C ASN A 393 33.55 -3.40 9.97
N TYR A 394 33.79 -2.12 9.82
CA TYR A 394 33.64 -1.48 8.56
C TYR A 394 32.35 -1.88 7.89
N LYS A 395 31.32 -2.14 8.67
CA LYS A 395 30.10 -2.60 8.04
C LYS A 395 29.91 -1.95 6.66
N ILE A 396 29.92 -0.60 6.72
CA ILE A 396 29.78 0.31 5.61
C ILE A 396 30.69 -0.05 4.46
N PHE A 397 31.95 -0.29 4.79
CA PHE A 397 32.90 -0.71 3.76
C PHE A 397 32.42 -2.02 3.17
N ARG A 398 32.26 -3.03 4.04
CA ARG A 398 31.79 -4.31 3.59
C ARG A 398 30.59 -4.15 2.69
N GLN A 399 29.74 -3.22 3.13
CA GLN A 399 28.54 -2.83 2.43
C GLN A 399 28.92 -2.37 1.04
N LEU A 400 29.81 -1.38 1.07
CA LEU A 400 30.37 -0.82 -0.10
C LEU A 400 30.78 -1.99 -0.95
N ILE A 401 31.70 -2.77 -0.40
CA ILE A 401 32.19 -3.95 -1.07
C ILE A 401 31.09 -4.82 -1.60
N GLU A 402 30.16 -5.25 -0.72
CA GLU A 402 29.12 -6.13 -1.22
C GLU A 402 28.63 -5.59 -2.53
N LEU A 403 28.01 -4.45 -2.42
CA LEU A 403 27.49 -3.86 -3.61
C LEU A 403 28.35 -4.15 -4.84
N LEU A 404 29.58 -3.66 -4.83
CA LEU A 404 30.47 -3.84 -5.97
C LEU A 404 30.42 -5.24 -6.46
N GLN A 405 30.59 -6.15 -5.49
CA GLN A 405 30.55 -7.57 -5.75
C GLN A 405 29.30 -7.91 -6.51
N ALA A 406 28.17 -7.55 -5.95
CA ALA A 406 26.93 -7.76 -6.66
C ALA A 406 27.07 -7.41 -8.17
N LYS A 407 27.01 -6.12 -8.50
CA LYS A 407 27.11 -5.66 -9.88
C LYS A 407 27.88 -6.60 -10.81
N VAL A 408 29.00 -7.13 -10.33
CA VAL A 408 29.82 -8.05 -11.09
C VAL A 408 29.04 -9.21 -11.68
N ARG A 409 28.51 -10.06 -10.80
CA ARG A 409 27.71 -11.19 -11.17
C ARG A 409 26.29 -10.76 -11.41
N ASN A 410 25.66 -10.30 -10.34
CA ASN A 410 24.32 -9.81 -10.42
C ASN A 410 24.14 -9.16 -11.76
N GLY A 411 23.12 -9.62 -12.47
CA GLY A 411 22.79 -9.15 -13.80
C GLY A 411 23.93 -9.31 -14.78
N ASP A 412 25.12 -8.84 -14.34
CA ASP A 412 26.32 -8.82 -15.11
C ASP A 412 26.12 -7.99 -16.38
N VAL A 413 25.88 -6.71 -16.14
CA VAL A 413 25.62 -5.79 -17.22
C VAL A 413 26.61 -4.66 -17.21
N ASN A 414 26.93 -4.19 -18.41
CA ASN A 414 27.83 -3.07 -18.56
C ASN A 414 27.06 -1.80 -18.94
N ALA A 415 25.73 -1.92 -18.90
CA ALA A 415 24.84 -0.81 -19.20
C ALA A 415 25.19 0.36 -18.30
N LYS A 416 25.71 1.39 -18.92
CA LYS A 416 26.14 2.54 -18.17
C LYS A 416 25.93 2.32 -16.69
N GLN A 417 24.67 2.41 -16.28
CA GLN A 417 24.32 2.21 -14.88
C GLN A 417 25.18 1.11 -14.25
N GLU A 418 24.73 -0.13 -14.33
CA GLU A 418 25.49 -1.19 -13.75
C GLU A 418 26.96 -0.86 -13.82
N LYS A 419 27.40 -0.48 -15.00
CA LYS A 419 28.79 -0.14 -15.24
C LYS A 419 29.33 1.07 -14.43
N ILE A 420 28.46 1.92 -13.92
CA ILE A 420 28.92 3.07 -13.15
C ILE A 420 29.18 2.71 -11.73
N ILE A 421 28.12 2.29 -11.06
CA ILE A 421 28.23 1.93 -9.68
C ILE A 421 29.60 1.35 -9.36
N ILE A 422 30.06 0.51 -10.28
CA ILE A 422 31.35 -0.14 -10.22
C ILE A 422 32.47 0.85 -9.93
N GLN A 423 32.83 1.60 -10.94
CA GLN A 423 33.89 2.57 -10.78
C GLN A 423 33.65 3.36 -9.53
N VAL A 424 32.46 3.95 -9.46
CA VAL A 424 32.18 4.68 -8.29
C VAL A 424 32.62 3.87 -7.12
N ALA A 425 32.27 2.60 -7.14
CA ALA A 425 32.68 1.73 -6.08
C ALA A 425 34.20 1.57 -6.04
N LEU A 426 34.80 1.16 -7.17
CA LEU A 426 36.25 1.03 -7.18
C LEU A 426 36.89 2.29 -6.66
N ASN A 427 36.23 3.42 -6.92
CA ASN A 427 36.68 4.73 -6.45
C ASN A 427 36.59 4.80 -4.91
N ASP A 428 35.37 4.84 -4.38
CA ASP A 428 35.22 4.92 -2.93
C ASP A 428 36.06 3.90 -2.23
N ILE A 429 36.04 2.72 -2.79
CA ILE A 429 36.83 1.67 -2.24
C ILE A 429 38.26 2.15 -2.16
N THR A 430 38.80 2.53 -3.32
CA THR A 430 40.16 3.04 -3.38
C THR A 430 40.44 3.97 -2.21
N HIS A 431 39.75 5.11 -2.18
CA HIS A 431 39.95 6.04 -1.09
C HIS A 431 40.05 5.30 0.21
N VAL A 432 38.96 4.66 0.60
CA VAL A 432 39.04 3.92 1.83
C VAL A 432 40.32 3.17 1.92
N VAL A 433 40.69 2.53 0.83
CA VAL A 433 41.90 1.74 0.81
C VAL A 433 43.14 2.46 1.29
N GLU A 434 43.46 3.56 0.62
CA GLU A 434 44.65 4.36 0.92
C GLU A 434 44.63 4.99 2.30
N LEU A 435 43.45 5.27 2.77
CA LEU A 435 43.29 5.89 4.05
C LEU A 435 43.52 4.90 5.22
N LEU A 436 42.76 3.79 5.16
CA LEU A 436 42.76 2.72 6.14
C LEU A 436 43.42 1.47 5.58
N PRO A 437 44.71 1.60 5.29
CA PRO A 437 45.48 0.53 4.73
C PRO A 437 45.13 -0.82 5.35
N GLU A 438 44.64 -0.81 6.60
CA GLU A 438 44.25 -2.04 7.24
C GLU A 438 42.93 -2.59 6.75
N SER A 439 42.34 -1.84 5.82
CA SER A 439 41.10 -2.21 5.21
C SER A 439 41.35 -3.30 4.17
N ILE A 440 42.61 -3.39 3.71
CA ILE A 440 43.02 -4.38 2.71
C ILE A 440 42.50 -5.79 3.08
N ASP A 441 42.69 -6.17 4.35
CA ASP A 441 42.23 -7.50 4.78
C ASP A 441 40.81 -7.73 4.38
N VAL A 442 39.90 -6.99 5.03
CA VAL A 442 38.52 -7.17 4.69
C VAL A 442 38.39 -7.37 3.20
N LEU A 443 39.12 -6.55 2.46
CA LEU A 443 39.09 -6.67 1.02
C LEU A 443 39.50 -8.04 0.64
N ASP A 444 40.57 -8.48 1.25
CA ASP A 444 41.06 -9.81 1.02
C ASP A 444 39.99 -10.85 1.32
N LYS A 445 39.47 -10.77 2.54
CA LYS A 445 38.44 -11.67 3.01
C LYS A 445 37.24 -11.69 2.08
N THR A 446 36.55 -10.54 2.01
CA THR A 446 35.39 -10.37 1.16
C THR A 446 35.57 -10.98 -0.24
N GLY A 447 36.70 -10.66 -0.89
CA GLY A 447 37.02 -11.20 -2.21
C GLY A 447 37.35 -10.13 -3.24
N GLY A 448 36.70 -8.96 -3.06
CA GLY A 448 36.86 -7.82 -3.94
C GLY A 448 38.30 -7.63 -4.32
N LYS A 449 39.16 -7.69 -3.29
CA LYS A 449 40.61 -7.57 -3.44
C LYS A 449 41.02 -8.13 -4.79
N ALA A 450 40.43 -9.29 -5.08
CA ALA A 450 40.62 -10.01 -6.32
C ALA A 450 39.68 -9.48 -7.37
N ASP A 451 38.39 -9.63 -7.06
CA ASP A 451 37.37 -9.17 -7.95
C ASP A 451 37.91 -8.03 -8.77
N ILE A 452 38.45 -7.06 -8.08
CA ILE A 452 39.02 -5.95 -8.77
C ILE A 452 40.01 -6.40 -9.83
N MET A 453 41.08 -7.03 -9.37
CA MET A 453 42.12 -7.52 -10.23
C MET A 453 41.70 -7.93 -11.65
N GLU A 454 40.59 -8.62 -11.78
CA GLU A 454 40.09 -9.05 -13.09
C GLU A 454 39.28 -7.96 -13.69
N LEU A 455 38.76 -7.14 -12.82
CA LEU A 455 38.03 -6.01 -13.27
C LEU A 455 38.86 -5.15 -14.20
N LEU A 456 40.16 -5.40 -14.20
CA LEU A 456 41.05 -4.66 -15.06
C LEU A 456 40.91 -5.11 -16.51
N ASN A 457 40.38 -6.33 -16.68
CA ASN A 457 40.14 -6.93 -18.00
C ASN A 457 38.77 -6.54 -18.48
N HIS A 458 38.63 -5.26 -18.73
CA HIS A 458 37.37 -4.77 -19.12
C HIS A 458 37.27 -4.22 -20.46
N SER A 459 36.03 -3.82 -20.67
CA SER A 459 35.55 -3.23 -21.85
C SER A 459 35.60 -1.71 -21.72
N ASP A 460 35.09 -1.21 -20.57
CA ASP A 460 35.08 0.23 -20.31
C ASP A 460 36.29 0.75 -19.53
N SER A 461 37.02 1.64 -20.19
CA SER A 461 38.19 2.26 -19.61
C SER A 461 38.00 2.46 -18.13
N ARG A 462 37.21 3.50 -17.80
CA ARG A 462 36.96 3.88 -16.43
C ARG A 462 36.85 2.73 -15.45
N VAL A 463 36.19 1.66 -15.90
CA VAL A 463 36.03 0.50 -15.04
C VAL A 463 37.33 -0.22 -14.76
N LYS A 464 37.93 -0.83 -15.79
CA LYS A 464 39.20 -1.48 -15.52
C LYS A 464 40.08 -0.44 -14.85
N TYR A 465 40.05 0.73 -15.46
CA TYR A 465 40.75 1.86 -14.93
C TYR A 465 40.47 2.05 -13.45
N GLU A 466 39.32 2.62 -13.09
CA GLU A 466 39.02 2.77 -11.68
C GLU A 466 39.58 1.61 -10.93
N ALA A 467 39.23 0.39 -11.43
CA ALA A 467 39.66 -0.88 -10.88
C ALA A 467 41.14 -0.98 -10.81
N LEU A 468 41.76 -0.41 -11.82
CA LEU A 468 43.18 -0.34 -12.00
C LEU A 468 43.73 0.58 -10.94
N LYS A 469 43.30 1.82 -11.00
CA LYS A 469 43.70 2.78 -10.01
C LYS A 469 43.43 2.18 -8.63
N ALA A 470 42.37 1.38 -8.54
CA ALA A 470 42.02 0.73 -7.30
C ALA A 470 43.02 -0.36 -6.89
N THR A 471 43.68 -0.96 -7.88
CA THR A 471 44.61 -2.06 -7.63
C THR A 471 46.03 -1.62 -7.38
N GLN A 472 46.50 -0.63 -8.14
CA GLN A 472 47.86 -0.14 -7.95
C GLN A 472 48.02 0.49 -6.55
N ALA A 473 46.87 0.77 -5.95
CA ALA A 473 46.79 1.33 -4.63
C ALA A 473 47.16 0.31 -3.58
N ILE A 474 46.39 -0.82 -3.61
CA ILE A 474 46.55 -1.99 -2.76
C ILE A 474 47.98 -2.47 -2.85
N ILE A 475 48.39 -2.69 -4.11
CA ILE A 475 49.72 -3.11 -4.47
C ILE A 475 50.71 -2.57 -3.46
N GLY A 476 50.65 -1.28 -3.25
CA GLY A 476 51.53 -0.66 -2.29
C GLY A 476 51.43 -1.22 -0.88
N TYR A 477 50.21 -1.61 -0.44
CA TYR A 477 49.98 -2.10 0.93
C TYR A 477 49.94 -3.61 1.08
N THR A 478 50.35 -4.30 0.04
CA THR A 478 50.31 -5.74 0.10
C THR A 478 51.51 -6.35 0.76
N PHE A 479 52.62 -5.58 0.80
CA PHE A 479 53.89 -6.05 1.36
C PHE A 479 54.33 -5.59 2.73
N LYS A 480 55.65 -5.65 2.94
CA LYS A 480 56.34 -5.34 4.21
C LYS A 480 55.54 -4.56 5.23
S SO4 B . -19.39 8.12 -5.74
O1 SO4 B . -20.26 9.27 -6.10
O2 SO4 B . -18.98 8.23 -4.31
O3 SO4 B . -18.20 8.11 -6.60
O4 SO4 B . -20.11 6.85 -5.96
#